data_4YSL
#
_entry.id   4YSL
#
_cell.length_a   79.625
_cell.length_b   79.625
_cell.length_c   93.949
_cell.angle_alpha   90.00
_cell.angle_beta   90.00
_cell.angle_gamma   90.00
#
_symmetry.space_group_name_H-M   'P 43'
#
loop_
_entity.id
_entity.type
_entity.pdbx_description
1 polymer 'Beta-lactamase domain protein'
2 non-polymer 'FE (III) ION'
3 non-polymer GLUTATHIONE
4 water water
#
_entity_poly.entity_id   1
_entity_poly.type   'polypeptide(L)'
_entity_poly.pdbx_seq_one_letter_code
;MIIGNNLHVDAFYDEATSTISYLVMDRETRQCALIDSVLDYDPKSGRTCSASADRLVERVNELNASVRWVLETHVHADHL
SAAAYLKEKLGGHTAIGAHITQVQKVFGALFNAEPGFARDGSQFDVLLEDEEGFRIGNLQARALHTPGHTPACMSFMIED
AGEIAVFVGDTLFMPDYGTARCDFPGADARTLYRSIRRLLAFPDQTRLFMCHDYLPGGRDMQYVTTVAEQRASNIHIHQG
IDEDSFVAMREARDKTLEMPVLILPSVQVNMRSGQLPPPEANGVSYLKIPLNKL
;
_entity_poly.pdbx_strand_id   A,B
#
loop_
_chem_comp.id
_chem_comp.type
_chem_comp.name
_chem_comp.formula
FE non-polymer 'FE (III) ION' 'Fe 3'
GSH non-polymer GLUTATHIONE 'C10 H17 N3 O6 S'
#
# COMPACT_ATOMS: atom_id res chain seq x y z
N MET A 1 16.42 -29.12 10.14
CA MET A 1 16.35 -30.53 9.76
C MET A 1 17.63 -30.92 9.04
N ILE A 2 17.98 -32.19 9.10
CA ILE A 2 19.18 -32.66 8.42
C ILE A 2 18.83 -33.62 7.29
N ILE A 3 19.33 -33.29 6.10
CA ILE A 3 19.23 -34.18 4.95
C ILE A 3 20.60 -34.87 4.79
N GLY A 4 20.56 -36.19 4.60
CA GLY A 4 21.81 -36.96 4.49
C GLY A 4 22.53 -36.81 5.81
N ASN A 5 23.83 -36.54 5.77
CA ASN A 5 24.56 -36.35 7.01
C ASN A 5 24.89 -34.90 7.31
N ASN A 6 25.13 -34.12 6.28
CA ASN A 6 25.72 -32.82 6.50
C ASN A 6 24.94 -31.65 5.91
N LEU A 7 23.81 -31.93 5.31
CA LEU A 7 22.93 -30.86 4.77
C LEU A 7 21.91 -30.36 5.80
N HIS A 8 22.27 -29.26 6.43
CA HIS A 8 21.51 -28.66 7.50
C HIS A 8 20.58 -27.59 6.90
N VAL A 9 19.27 -27.67 7.15
CA VAL A 9 18.33 -26.68 6.58
C VAL A 9 17.42 -26.14 7.71
N ASP A 10 17.47 -24.84 7.94
CA ASP A 10 16.52 -24.17 8.85
C ASP A 10 15.56 -23.38 7.97
N ALA A 11 14.26 -23.48 8.26
CA ALA A 11 13.21 -22.67 7.61
C ALA A 11 12.73 -21.52 8.51
N PHE A 12 12.54 -20.35 7.94
CA PHE A 12 12.06 -19.21 8.70
C PHE A 12 10.85 -18.66 7.97
N TYR A 13 9.72 -18.56 8.66
CA TYR A 13 8.47 -18.20 7.97
C TYR A 13 8.08 -16.79 8.35
N ASP A 14 7.78 -16.00 7.34
CA ASP A 14 7.34 -14.64 7.58
C ASP A 14 5.84 -14.54 7.49
N GLU A 15 5.19 -14.26 8.62
CA GLU A 15 3.73 -14.25 8.62
C GLU A 15 3.10 -13.19 7.71
N ALA A 16 3.71 -12.02 7.63
CA ALA A 16 3.13 -10.93 6.86
C ALA A 16 3.07 -11.25 5.37
N THR A 17 4.09 -11.92 4.88
CA THR A 17 4.16 -12.14 3.43
C THR A 17 4.07 -13.62 3.02
N SER A 18 4.03 -14.53 4.00
CA SER A 18 3.96 -15.97 3.80
C SER A 18 5.20 -16.55 3.13
N THR A 19 6.30 -15.78 3.16
CA THR A 19 7.59 -16.22 2.59
C THR A 19 8.30 -17.14 3.54
N ILE A 20 8.90 -18.18 2.95
CA ILE A 20 9.78 -19.08 3.70
C ILE A 20 11.22 -18.78 3.27
N SER A 21 12.03 -18.29 4.20
CA SER A 21 13.47 -18.06 3.97
C SER A 21 14.24 -19.23 4.57
N TYR A 22 15.42 -19.49 4.03
CA TYR A 22 16.22 -20.62 4.49
C TYR A 22 17.67 -20.30 4.84
N LEU A 23 18.12 -20.99 5.86
CA LEU A 23 19.53 -21.06 6.14
C LEU A 23 19.98 -22.51 5.82
N VAL A 24 20.91 -22.63 4.90
CA VAL A 24 21.37 -23.93 4.41
C VAL A 24 22.88 -24.05 4.69
N MET A 25 23.24 -24.95 5.59
CA MET A 25 24.62 -25.01 6.07
C MET A 25 25.25 -26.37 5.81
N ASP A 26 26.52 -26.32 5.43
CA ASP A 26 27.37 -27.51 5.44
C ASP A 26 27.85 -27.75 6.89
N ARG A 27 27.35 -28.82 7.46
CA ARG A 27 27.67 -29.11 8.86
C ARG A 27 29.17 -29.29 9.12
N GLU A 28 29.94 -29.59 8.09
CA GLU A 28 31.39 -29.81 8.27
C GLU A 28 32.13 -28.47 8.29
N THR A 29 32.10 -27.72 7.20
CA THR A 29 32.83 -26.46 7.14
C THR A 29 32.13 -25.32 7.88
N ARG A 30 30.82 -25.49 8.12
CA ARG A 30 29.94 -24.41 8.64
C ARG A 30 29.70 -23.27 7.65
N GLN A 31 30.05 -23.45 6.38
CA GLN A 31 29.73 -22.46 5.38
C GLN A 31 28.24 -22.59 5.10
N CYS A 32 27.61 -21.47 4.78
CA CYS A 32 26.16 -21.50 4.56
C CYS A 32 25.70 -20.60 3.46
N ALA A 33 24.43 -20.81 3.07
CA ALA A 33 23.72 -19.94 2.13
C ALA A 33 22.42 -19.47 2.82
N LEU A 34 22.05 -18.22 2.58
CA LEU A 34 20.75 -17.71 3.04
C LEU A 34 19.94 -17.51 1.79
N ILE A 35 18.73 -18.08 1.78
CA ILE A 35 17.88 -18.07 0.60
C ILE A 35 16.58 -17.29 0.85
N ASP A 36 16.28 -16.32 -0.04
CA ASP A 36 15.01 -15.60 -0.09
C ASP A 36 14.69 -14.90 1.23
N SER A 37 15.67 -14.14 1.69
CA SER A 37 15.54 -13.38 2.94
C SER A 37 14.59 -12.22 2.77
N VAL A 38 13.98 -11.85 3.88
CA VAL A 38 12.94 -10.81 3.88
C VAL A 38 13.38 -9.54 4.64
N LEU A 39 13.27 -8.40 3.96
CA LEU A 39 13.45 -7.12 4.61
C LEU A 39 12.04 -6.63 4.89
N ASP A 40 11.69 -6.42 6.16
CA ASP A 40 10.30 -6.05 6.50
C ASP A 40 9.97 -4.66 5.98
N TYR A 41 8.75 -4.51 5.47
CA TYR A 41 8.34 -3.25 4.84
C TYR A 41 6.89 -2.93 5.19
N ASP A 42 6.67 -1.74 5.73
CA ASP A 42 5.31 -1.26 6.03
C ASP A 42 4.93 -0.28 4.95
N PRO A 43 4.04 -0.70 4.04
CA PRO A 43 3.79 0.19 2.90
C PRO A 43 3.05 1.46 3.29
N LYS A 44 2.38 1.48 4.44
CA LYS A 44 1.58 2.67 4.83
C LYS A 44 2.49 3.83 5.17
N SER A 45 3.65 3.51 5.77
CA SER A 45 4.54 4.54 6.28
C SER A 45 5.85 4.58 5.51
N GLY A 46 6.08 3.63 4.62
CA GLY A 46 7.34 3.58 3.90
C GLY A 46 8.55 3.17 4.74
N ARG A 47 8.32 2.43 5.80
CA ARG A 47 9.39 2.09 6.72
C ARG A 47 9.90 0.69 6.47
N THR A 48 11.21 0.54 6.35
CA THR A 48 11.79 -0.77 6.36
C THR A 48 12.30 -1.10 7.76
N CYS A 49 12.49 -2.39 8.00
CA CYS A 49 12.89 -2.86 9.32
C CYS A 49 13.64 -4.16 9.06
N SER A 50 14.57 -4.54 9.95
CA SER A 50 15.44 -5.69 9.68
C SER A 50 15.16 -6.83 10.63
N ALA A 51 13.98 -6.83 11.25
CA ALA A 51 13.66 -7.83 12.26
C ALA A 51 13.75 -9.27 11.76
N SER A 52 13.13 -9.57 10.63
CA SER A 52 13.16 -10.91 10.07
C SER A 52 14.58 -11.30 9.72
N ALA A 53 15.30 -10.36 9.09
CA ALA A 53 16.67 -10.63 8.66
C ALA A 53 17.57 -10.88 9.87
N ASP A 54 17.29 -10.19 10.96
CA ASP A 54 18.11 -10.32 12.16
C ASP A 54 17.95 -11.69 12.81
N ARG A 55 16.84 -12.36 12.54
N ARG A 55 16.84 -12.35 12.55
CA ARG A 55 16.67 -13.73 12.99
CA ARG A 55 16.66 -13.73 12.97
C ARG A 55 17.66 -14.66 12.28
C ARG A 55 17.70 -14.62 12.29
N LEU A 56 17.97 -14.36 11.03
CA LEU A 56 18.94 -15.13 10.26
C LEU A 56 20.32 -14.84 10.85
N VAL A 57 20.59 -13.57 11.10
CA VAL A 57 21.92 -13.16 11.62
C VAL A 57 22.23 -13.90 12.90
N GLU A 58 21.22 -13.96 13.76
CA GLU A 58 21.36 -14.64 15.04
C GLU A 58 21.58 -16.12 14.89
N ARG A 59 20.89 -16.73 13.93
CA ARG A 59 20.99 -18.15 13.71
C ARG A 59 22.36 -18.50 13.15
N VAL A 60 22.88 -17.64 12.25
CA VAL A 60 24.21 -17.86 11.69
C VAL A 60 25.23 -17.85 12.82
N ASN A 61 25.15 -16.84 13.68
CA ASN A 61 26.08 -16.78 14.82
C ASN A 61 25.94 -17.93 15.83
N GLU A 62 24.72 -18.34 16.10
CA GLU A 62 24.44 -19.49 16.97
C GLU A 62 25.07 -20.80 16.45
N LEU A 63 25.06 -20.94 15.13
CA LEU A 63 25.66 -22.09 14.44
C LEU A 63 27.17 -21.94 14.24
N ASN A 64 27.75 -20.80 14.57
CA ASN A 64 29.17 -20.49 14.22
C ASN A 64 29.44 -20.62 12.74
N ALA A 65 28.45 -20.22 11.95
CA ALA A 65 28.52 -20.36 10.51
C ALA A 65 29.11 -19.13 9.86
N SER A 66 29.46 -19.30 8.59
N SER A 66 29.45 -19.29 8.59
CA SER A 66 29.98 -18.23 7.76
CA SER A 66 29.96 -18.21 7.78
C SER A 66 29.17 -18.19 6.47
C SER A 66 29.20 -18.18 6.46
N VAL A 67 28.60 -17.03 6.14
CA VAL A 67 27.84 -16.94 4.93
C VAL A 67 28.74 -16.92 3.70
N ARG A 68 28.51 -17.87 2.80
CA ARG A 68 29.15 -17.88 1.51
C ARG A 68 28.26 -17.32 0.41
N TRP A 69 26.96 -17.58 0.49
CA TRP A 69 26.01 -17.20 -0.55
C TRP A 69 24.78 -16.53 0.05
N VAL A 70 24.36 -15.45 -0.56
CA VAL A 70 23.04 -14.84 -0.30
C VAL A 70 22.27 -15.00 -1.58
N LEU A 71 21.34 -15.96 -1.59
CA LEU A 71 20.65 -16.35 -2.81
C LEU A 71 19.23 -15.84 -2.88
N GLU A 72 18.77 -15.58 -4.09
CA GLU A 72 17.37 -15.27 -4.37
C GLU A 72 16.89 -16.22 -5.48
N THR A 73 15.78 -16.90 -5.25
CA THR A 73 15.21 -17.75 -6.30
C THR A 73 14.69 -16.92 -7.46
N HIS A 74 14.15 -15.75 -7.17
CA HIS A 74 13.62 -14.90 -8.24
C HIS A 74 13.47 -13.47 -7.74
N VAL A 75 13.10 -12.57 -8.63
CA VAL A 75 12.79 -11.20 -8.24
C VAL A 75 11.38 -11.18 -7.68
N HIS A 76 11.27 -11.19 -6.36
CA HIS A 76 10.01 -11.39 -5.68
C HIS A 76 9.03 -10.21 -5.81
N ALA A 77 7.77 -10.54 -5.99
CA ALA A 77 6.75 -9.52 -6.10
C ALA A 77 6.05 -9.31 -4.79
N ASP A 78 6.32 -10.08 -3.76
CA ASP A 78 5.47 -10.01 -2.58
C ASP A 78 6.20 -9.47 -1.36
N HIS A 79 7.51 -9.31 -1.46
CA HIS A 79 8.28 -8.81 -0.33
C HIS A 79 9.57 -8.22 -0.83
N LEU A 80 10.14 -7.35 -0.05
CA LEU A 80 11.48 -6.85 -0.31
C LEU A 80 12.53 -7.82 0.22
N SER A 81 13.59 -8.00 -0.57
CA SER A 81 14.71 -8.83 -0.22
C SER A 81 15.63 -8.17 0.79
N ALA A 82 16.10 -8.95 1.76
CA ALA A 82 17.12 -8.48 2.70
C ALA A 82 18.55 -8.84 2.28
N ALA A 83 18.76 -9.17 1.01
CA ALA A 83 20.07 -9.68 0.59
C ALA A 83 21.17 -8.62 0.79
N ALA A 84 20.89 -7.37 0.49
CA ALA A 84 21.93 -6.34 0.61
C ALA A 84 22.25 -6.07 2.08
N TYR A 85 21.20 -6.01 2.91
CA TYR A 85 21.37 -5.86 4.35
C TYR A 85 22.21 -7.02 4.92
N LEU A 86 21.88 -8.26 4.54
CA LEU A 86 22.60 -9.41 5.06
C LEU A 86 24.02 -9.54 4.53
N LYS A 87 24.25 -9.19 3.27
CA LYS A 87 25.62 -9.23 2.75
C LYS A 87 26.50 -8.20 3.48
N GLU A 88 25.93 -7.05 3.80
CA GLU A 88 26.71 -6.05 4.54
C GLU A 88 27.04 -6.53 5.94
N LYS A 89 26.12 -7.24 6.56
CA LYS A 89 26.28 -7.63 7.94
C LYS A 89 27.19 -8.85 8.06
N LEU A 90 27.09 -9.76 7.09
CA LEU A 90 27.60 -11.11 7.24
C LEU A 90 28.58 -11.51 6.16
N GLY A 91 28.65 -10.70 5.11
CA GLY A 91 29.53 -11.04 4.01
C GLY A 91 28.90 -12.05 3.06
N GLY A 92 29.74 -12.67 2.24
CA GLY A 92 29.27 -13.58 1.20
C GLY A 92 28.98 -12.90 -0.11
N HIS A 93 28.60 -13.70 -1.11
CA HIS A 93 28.25 -13.18 -2.43
C HIS A 93 26.76 -13.38 -2.68
N THR A 94 26.14 -12.39 -3.30
CA THR A 94 24.76 -12.51 -3.76
C THR A 94 24.74 -13.22 -5.12
N ALA A 95 23.74 -14.06 -5.37
CA ALA A 95 23.58 -14.67 -6.70
C ALA A 95 22.10 -14.69 -7.06
N ILE A 96 21.82 -14.66 -8.35
CA ILE A 96 20.47 -14.66 -8.86
C ILE A 96 20.57 -15.25 -10.26
N GLY A 97 19.46 -15.66 -10.85
CA GLY A 97 19.45 -16.16 -12.20
C GLY A 97 19.98 -15.20 -13.24
N ALA A 98 20.75 -15.74 -14.19
CA ALA A 98 21.27 -14.91 -15.28
C ALA A 98 20.26 -14.11 -16.08
N HIS A 99 19.00 -14.58 -16.14
CA HIS A 99 17.97 -13.85 -16.87
C HIS A 99 17.38 -12.66 -16.09
N ILE A 100 18.05 -12.31 -15.00
CA ILE A 100 17.72 -11.06 -14.28
C ILE A 100 17.69 -9.88 -15.25
N THR A 101 18.54 -9.93 -16.27
CA THR A 101 18.69 -8.79 -17.20
C THR A 101 17.39 -8.49 -17.90
N GLN A 102 16.60 -9.52 -18.20
CA GLN A 102 15.30 -9.34 -18.82
C GLN A 102 14.28 -8.67 -17.87
N VAL A 103 14.34 -9.07 -16.60
CA VAL A 103 13.50 -8.45 -15.58
C VAL A 103 13.94 -6.99 -15.40
N GLN A 104 15.23 -6.74 -15.29
CA GLN A 104 15.73 -5.37 -15.11
C GLN A 104 15.33 -4.45 -16.26
N LYS A 105 15.32 -5.00 -17.46
CA LYS A 105 14.97 -4.25 -18.65
C LYS A 105 13.53 -3.82 -18.56
N VAL A 106 12.65 -4.76 -18.26
CA VAL A 106 11.23 -4.52 -18.18
C VAL A 106 10.86 -3.57 -17.03
N PHE A 107 11.41 -3.79 -15.86
CA PHE A 107 11.06 -2.93 -14.71
C PHE A 107 11.89 -1.66 -14.58
N GLY A 108 13.11 -1.65 -15.12
CA GLY A 108 13.81 -0.37 -15.30
C GLY A 108 12.96 0.62 -16.08
N ALA A 109 12.26 0.15 -17.11
CA ALA A 109 11.40 0.99 -17.91
C ALA A 109 10.12 1.36 -17.15
N LEU A 110 9.51 0.39 -16.47
CA LEU A 110 8.24 0.63 -15.80
C LEU A 110 8.38 1.68 -14.69
N PHE A 111 9.48 1.65 -13.96
CA PHE A 111 9.70 2.56 -12.87
C PHE A 111 10.49 3.79 -13.34
N ASN A 112 10.67 3.89 -14.64
CA ASN A 112 11.50 4.93 -15.26
C ASN A 112 12.76 5.19 -14.46
N ALA A 113 13.54 4.13 -14.25
CA ALA A 113 14.73 4.20 -13.41
C ALA A 113 15.72 5.26 -13.84
N GLU A 114 16.45 5.78 -12.87
CA GLU A 114 17.52 6.76 -13.11
C GLU A 114 18.59 6.13 -14.05
N PRO A 115 19.36 6.97 -14.75
CA PRO A 115 20.23 6.45 -15.82
C PRO A 115 21.36 5.53 -15.33
N GLY A 116 21.74 5.67 -14.07
CA GLY A 116 22.76 4.83 -13.49
C GLY A 116 22.30 3.42 -13.14
N PHE A 117 21.04 3.10 -13.41
CA PHE A 117 20.50 1.77 -13.11
C PHE A 117 20.95 0.76 -14.16
N ALA A 118 21.74 -0.21 -13.73
CA ALA A 118 22.31 -1.21 -14.65
C ALA A 118 21.27 -2.25 -15.02
N ARG A 119 21.22 -2.67 -16.28
CA ARG A 119 20.28 -3.69 -16.73
CA ARG A 119 20.28 -3.70 -16.70
C ARG A 119 21.01 -4.98 -17.09
N ASP A 120 22.23 -5.13 -16.60
CA ASP A 120 23.08 -6.29 -16.93
C ASP A 120 23.34 -7.16 -15.70
N GLY A 121 22.56 -6.96 -14.63
CA GLY A 121 22.72 -7.74 -13.41
C GLY A 121 23.97 -7.48 -12.59
N SER A 122 24.71 -6.41 -12.89
CA SER A 122 25.95 -6.13 -12.17
C SER A 122 25.80 -5.76 -10.70
N GLN A 123 24.57 -5.55 -10.26
CA GLN A 123 24.30 -5.23 -8.87
C GLN A 123 24.47 -6.48 -8.05
N PHE A 124 24.35 -7.63 -8.73
CA PHE A 124 24.53 -8.93 -8.07
C PHE A 124 25.94 -9.43 -8.28
N ASP A 125 26.48 -10.14 -7.29
CA ASP A 125 27.85 -10.65 -7.42
C ASP A 125 28.00 -11.76 -8.46
N VAL A 126 27.03 -12.67 -8.50
CA VAL A 126 27.11 -13.83 -9.37
C VAL A 126 25.80 -14.06 -10.12
N LEU A 127 25.87 -14.34 -11.42
CA LEU A 127 24.68 -14.64 -12.22
C LEU A 127 24.75 -16.12 -12.54
N LEU A 128 23.68 -16.85 -12.25
CA LEU A 128 23.75 -18.33 -12.33
C LEU A 128 23.03 -18.83 -13.59
N GLU A 129 23.69 -19.74 -14.29
CA GLU A 129 23.11 -20.36 -15.48
C GLU A 129 22.48 -21.73 -15.17
N ASP A 130 21.65 -22.20 -16.10
CA ASP A 130 21.02 -23.50 -15.91
C ASP A 130 22.05 -24.59 -15.74
N GLU A 131 21.88 -25.37 -14.68
CA GLU A 131 22.69 -26.53 -14.33
C GLU A 131 24.08 -26.17 -13.91
N GLU A 132 24.31 -24.88 -13.63
CA GLU A 132 25.64 -24.48 -13.13
C GLU A 132 25.91 -24.92 -11.68
N GLY A 133 27.06 -25.53 -11.42
CA GLY A 133 27.34 -25.91 -10.06
C GLY A 133 27.90 -24.80 -9.21
N PHE A 134 27.61 -24.90 -7.92
CA PHE A 134 28.24 -24.03 -6.92
C PHE A 134 28.34 -24.82 -5.63
N ARG A 135 29.21 -24.40 -4.72
N ARG A 135 29.18 -24.33 -4.72
CA ARG A 135 29.40 -25.21 -3.52
CA ARG A 135 29.51 -25.08 -3.51
C ARG A 135 29.13 -24.39 -2.28
C ARG A 135 29.07 -24.34 -2.28
N ILE A 136 28.62 -25.07 -1.27
CA ILE A 136 28.42 -24.50 0.05
C ILE A 136 29.30 -25.35 0.93
N GLY A 137 30.51 -24.85 1.15
CA GLY A 137 31.52 -25.67 1.81
C GLY A 137 31.75 -26.96 1.03
N ASN A 138 31.62 -28.11 1.67
CA ASN A 138 31.79 -29.37 0.96
C ASN A 138 30.54 -29.83 0.21
N LEU A 139 29.41 -29.16 0.44
CA LEU A 139 28.14 -29.52 -0.22
C LEU A 139 28.19 -29.09 -1.69
N GLN A 140 27.84 -30.03 -2.57
CA GLN A 140 27.70 -29.70 -3.97
C GLN A 140 26.26 -29.25 -4.24
N ALA A 141 26.16 -28.06 -4.80
CA ALA A 141 24.86 -27.50 -5.22
C ALA A 141 24.81 -27.32 -6.72
N ARG A 142 23.62 -27.06 -7.24
CA ARG A 142 23.48 -26.82 -8.65
C ARG A 142 22.30 -25.88 -8.82
N ALA A 143 22.47 -24.86 -9.65
CA ALA A 143 21.36 -23.94 -9.94
C ALA A 143 20.60 -24.48 -11.13
N LEU A 144 19.27 -24.49 -11.08
CA LEU A 144 18.47 -24.90 -12.22
C LEU A 144 17.58 -23.74 -12.66
N HIS A 145 17.57 -23.41 -13.95
CA HIS A 145 16.68 -22.40 -14.48
C HIS A 145 15.31 -22.98 -14.65
N THR A 146 14.38 -22.44 -13.86
CA THR A 146 13.02 -22.99 -13.81
C THR A 146 11.99 -21.87 -13.99
N PRO A 147 11.97 -21.25 -15.14
CA PRO A 147 11.09 -20.09 -15.38
C PRO A 147 9.62 -20.46 -15.49
N GLY A 148 8.79 -19.42 -15.52
CA GLY A 148 7.34 -19.60 -15.79
C GLY A 148 6.57 -18.65 -14.90
N HIS A 149 6.85 -18.67 -13.60
CA HIS A 149 6.37 -17.59 -12.70
C HIS A 149 7.05 -16.24 -13.03
N THR A 150 8.35 -16.25 -13.35
CA THR A 150 9.08 -15.13 -13.91
C THR A 150 10.03 -15.75 -14.94
N PRO A 151 10.60 -14.93 -15.84
N PRO A 151 10.60 -14.93 -15.84
CA PRO A 151 11.54 -15.45 -16.83
CA PRO A 151 11.53 -15.50 -16.83
C PRO A 151 12.87 -15.90 -16.22
C PRO A 151 12.89 -15.86 -16.24
N ALA A 152 13.15 -15.52 -14.98
CA ALA A 152 14.48 -15.66 -14.42
C ALA A 152 14.58 -16.62 -13.25
N CYS A 153 13.46 -17.19 -12.86
CA CYS A 153 13.39 -18.03 -11.67
C CYS A 153 14.41 -19.17 -11.71
N MET A 154 15.04 -19.37 -10.56
CA MET A 154 15.96 -20.49 -10.37
C MET A 154 15.49 -21.38 -9.24
N SER A 155 15.85 -22.66 -9.33
CA SER A 155 15.72 -23.58 -8.21
C SER A 155 17.12 -23.99 -7.82
N PHE A 156 17.32 -24.28 -6.54
CA PHE A 156 18.67 -24.65 -6.07
C PHE A 156 18.66 -26.07 -5.57
N MET A 157 19.41 -26.95 -6.24
N MET A 157 19.40 -26.95 -6.26
CA MET A 157 19.47 -28.35 -5.84
CA MET A 157 19.55 -28.35 -5.90
C MET A 157 20.76 -28.62 -5.06
C MET A 157 20.77 -28.50 -4.98
N ILE A 158 20.64 -29.29 -3.91
CA ILE A 158 21.80 -29.57 -3.04
C ILE A 158 21.73 -31.01 -2.70
N GLU A 159 22.90 -31.67 -2.70
N GLU A 159 22.90 -31.68 -2.65
CA GLU A 159 23.00 -33.11 -2.49
CA GLU A 159 23.00 -33.14 -2.55
C GLU A 159 23.85 -33.38 -1.24
C GLU A 159 23.90 -33.45 -1.35
N ASP A 160 23.57 -34.49 -0.58
CA ASP A 160 24.55 -35.04 0.39
C ASP A 160 24.20 -36.46 0.64
N ALA A 161 25.26 -37.30 0.62
CA ALA A 161 25.09 -38.71 0.97
C ALA A 161 23.98 -39.40 0.17
N GLY A 162 23.87 -39.05 -1.12
CA GLY A 162 22.92 -39.69 -2.00
C GLY A 162 21.49 -39.15 -1.88
N GLU A 163 21.26 -38.15 -1.02
CA GLU A 163 19.90 -37.56 -0.88
C GLU A 163 19.93 -36.19 -1.48
N ILE A 164 18.84 -35.78 -2.14
CA ILE A 164 18.78 -34.47 -2.78
C ILE A 164 17.69 -33.59 -2.18
N ALA A 165 18.02 -32.30 -2.06
CA ALA A 165 16.97 -31.30 -1.72
C ALA A 165 16.94 -30.31 -2.83
N VAL A 166 15.74 -29.77 -3.12
CA VAL A 166 15.66 -28.68 -4.09
C VAL A 166 14.77 -27.56 -3.53
N PHE A 167 15.32 -26.37 -3.54
CA PHE A 167 14.58 -25.15 -3.13
C PHE A 167 13.97 -24.62 -4.39
N VAL A 168 12.63 -24.72 -4.48
CA VAL A 168 12.02 -24.62 -5.79
C VAL A 168 11.50 -23.20 -6.13
N GLY A 169 11.66 -22.23 -5.24
CA GLY A 169 11.10 -20.88 -5.48
C GLY A 169 9.58 -20.95 -5.67
N ASP A 170 9.04 -20.00 -6.42
CA ASP A 170 7.57 -19.95 -6.59
C ASP A 170 7.21 -20.72 -7.87
N THR A 171 7.26 -22.03 -7.80
CA THR A 171 6.90 -22.90 -8.91
C THR A 171 5.83 -23.83 -8.43
N LEU A 172 6.23 -24.84 -7.67
CA LEU A 172 5.29 -25.68 -6.92
C LEU A 172 5.04 -25.04 -5.58
N PHE A 173 3.79 -25.15 -5.09
CA PHE A 173 3.51 -24.96 -3.65
C PHE A 173 3.21 -26.35 -3.08
N MET A 174 2.84 -26.43 -1.79
CA MET A 174 2.51 -27.75 -1.25
C MET A 174 1.45 -28.43 -2.09
N PRO A 175 1.34 -29.75 -2.03
CA PRO A 175 0.43 -30.46 -2.94
C PRO A 175 -1.03 -30.00 -2.80
N ASP A 176 -1.44 -29.65 -1.58
CA ASP A 176 -2.83 -29.23 -1.34
C ASP A 176 -3.11 -27.81 -1.83
N TYR A 177 -2.09 -27.10 -2.32
CA TYR A 177 -2.25 -25.70 -2.68
C TYR A 177 -2.00 -25.44 -4.17
N GLY A 178 -1.11 -26.22 -4.77
CA GLY A 178 -0.97 -26.19 -6.22
C GLY A 178 0.33 -25.58 -6.72
N THR A 179 0.23 -24.52 -7.51
CA THR A 179 1.33 -23.92 -8.25
C THR A 179 1.23 -22.40 -8.20
N ALA A 180 2.29 -21.74 -8.62
CA ALA A 180 2.36 -20.30 -8.57
C ALA A 180 1.67 -19.66 -9.79
N ARG A 181 1.26 -18.41 -9.62
CA ARG A 181 0.61 -17.65 -10.70
C ARG A 181 1.58 -17.31 -11.84
N CYS A 182 1.04 -17.10 -13.04
CA CYS A 182 1.85 -16.92 -14.25
C CYS A 182 1.41 -15.68 -15.02
N ASP A 183 1.02 -14.65 -14.29
CA ASP A 183 0.56 -13.42 -14.94
C ASP A 183 1.49 -12.19 -14.82
N PHE A 184 2.57 -12.29 -14.07
N PHE A 184 2.62 -12.37 -14.13
CA PHE A 184 3.49 -11.15 -14.00
CA PHE A 184 3.74 -11.40 -14.04
C PHE A 184 4.24 -11.03 -15.34
C PHE A 184 4.28 -11.07 -15.43
N PRO A 185 4.91 -9.90 -15.59
CA PRO A 185 5.54 -9.67 -16.90
C PRO A 185 6.52 -10.75 -17.26
N GLY A 186 6.31 -11.34 -18.43
CA GLY A 186 7.22 -12.34 -18.95
C GLY A 186 6.93 -13.71 -18.35
N ALA A 187 5.90 -13.83 -17.51
CA ALA A 187 5.48 -15.13 -16.98
C ALA A 187 4.76 -15.92 -18.06
N ASP A 188 4.67 -17.22 -17.87
CA ASP A 188 4.02 -18.07 -18.86
C ASP A 188 3.69 -19.44 -18.27
N ALA A 189 2.42 -19.82 -18.30
CA ALA A 189 1.94 -21.06 -17.72
C ALA A 189 2.54 -22.29 -18.38
N ARG A 190 2.68 -22.29 -19.71
CA ARG A 190 3.24 -23.45 -20.40
C ARG A 190 4.71 -23.70 -19.98
N THR A 191 5.43 -22.58 -19.85
CA THR A 191 6.81 -22.62 -19.44
C THR A 191 6.89 -23.15 -17.99
N LEU A 192 5.99 -22.68 -17.12
CA LEU A 192 6.01 -23.18 -15.73
C LEU A 192 5.74 -24.68 -15.70
N TYR A 193 4.81 -25.17 -16.52
CA TYR A 193 4.53 -26.59 -16.56
C TYR A 193 5.82 -27.38 -16.85
N ARG A 194 6.53 -26.91 -17.90
CA ARG A 194 7.75 -27.61 -18.29
C ARG A 194 8.85 -27.56 -17.21
N SER A 195 8.95 -26.44 -16.55
CA SER A 195 9.86 -26.33 -15.42
C SER A 195 9.51 -27.27 -14.31
N ILE A 196 8.22 -27.35 -13.96
CA ILE A 196 7.84 -28.25 -12.91
C ILE A 196 8.06 -29.73 -13.26
N ARG A 197 7.81 -30.11 -14.51
CA ARG A 197 8.07 -31.47 -14.93
C ARG A 197 9.56 -31.80 -14.85
N ARG A 198 10.44 -30.82 -15.09
CA ARG A 198 11.89 -31.09 -14.84
C ARG A 198 12.10 -31.35 -13.35
N LEU A 199 11.55 -30.50 -12.48
CA LEU A 199 11.69 -30.72 -11.03
C LEU A 199 11.12 -32.05 -10.62
N LEU A 200 10.02 -32.48 -11.24
CA LEU A 200 9.37 -33.72 -10.80
C LEU A 200 9.94 -34.97 -11.47
N ALA A 201 11.00 -34.76 -12.25
CA ALA A 201 11.78 -35.88 -12.80
CA ALA A 201 11.78 -35.88 -12.80
C ALA A 201 12.94 -36.30 -11.90
N PHE A 202 13.15 -35.57 -10.81
CA PHE A 202 14.10 -35.97 -9.75
C PHE A 202 13.56 -37.21 -9.03
N PRO A 203 14.44 -37.92 -8.31
CA PRO A 203 13.99 -39.13 -7.61
C PRO A 203 12.82 -38.87 -6.67
N ASP A 204 11.93 -39.87 -6.55
CA ASP A 204 10.72 -39.73 -5.73
C ASP A 204 10.98 -39.21 -4.36
N GLN A 205 12.04 -39.64 -3.72
CA GLN A 205 12.28 -39.27 -2.34
C GLN A 205 12.92 -37.87 -2.13
N THR A 206 13.25 -37.20 -3.23
CA THR A 206 13.82 -35.87 -3.21
C THR A 206 12.95 -34.94 -2.37
N ARG A 207 13.57 -34.19 -1.47
CA ARG A 207 12.80 -33.22 -0.68
C ARG A 207 12.71 -31.93 -1.50
N LEU A 208 11.52 -31.31 -1.53
CA LEU A 208 11.27 -30.03 -2.19
C LEU A 208 10.87 -29.01 -1.15
N PHE A 209 11.55 -27.87 -1.14
CA PHE A 209 11.40 -26.81 -0.15
C PHE A 209 10.71 -25.63 -0.76
N MET A 210 9.58 -25.28 -0.16
CA MET A 210 8.69 -24.24 -0.70
C MET A 210 9.19 -22.82 -0.46
N CYS A 211 8.71 -21.87 -1.27
CA CYS A 211 9.09 -20.48 -1.14
C CYS A 211 7.99 -19.69 -0.39
N HIS A 212 6.76 -20.11 -0.59
CA HIS A 212 5.63 -19.51 0.14
C HIS A 212 4.75 -20.63 0.64
N ASP A 213 4.03 -20.34 1.72
CA ASP A 213 2.94 -21.22 2.13
C ASP A 213 1.85 -20.38 2.75
N TYR A 214 0.62 -20.65 2.32
CA TYR A 214 -0.47 -19.73 2.62
C TYR A 214 -1.52 -20.33 3.54
N LEU A 215 -1.15 -21.40 4.24
CA LEU A 215 -2.02 -21.95 5.31
C LEU A 215 -3.46 -22.18 4.84
N PRO A 216 -3.63 -22.93 3.74
CA PRO A 216 -5.01 -23.09 3.22
C PRO A 216 -5.93 -23.74 4.25
N GLY A 217 -7.17 -23.25 4.37
CA GLY A 217 -8.14 -23.86 5.27
C GLY A 217 -7.70 -23.84 6.73
N GLY A 218 -6.78 -22.93 7.03
CA GLY A 218 -6.27 -22.75 8.37
C GLY A 218 -5.36 -23.84 8.92
N ARG A 219 -4.74 -24.67 8.06
CA ARG A 219 -3.76 -25.64 8.56
C ARG A 219 -2.46 -24.95 8.99
N ASP A 220 -1.61 -25.64 9.76
CA ASP A 220 -0.33 -25.08 10.16
C ASP A 220 0.56 -24.96 8.93
N MET A 221 1.52 -24.04 9.00
CA MET A 221 2.51 -23.81 7.94
C MET A 221 3.33 -25.03 7.62
N GLN A 222 3.47 -25.28 6.33
CA GLN A 222 4.28 -26.39 5.87
C GLN A 222 5.22 -25.84 4.82
N TYR A 223 6.41 -26.45 4.74
CA TYR A 223 7.43 -25.89 3.87
C TYR A 223 8.21 -26.96 3.10
N VAL A 224 8.00 -28.24 3.39
CA VAL A 224 8.79 -29.27 2.69
C VAL A 224 7.91 -30.43 2.31
N THR A 225 8.15 -31.01 1.14
CA THR A 225 7.39 -32.15 0.69
C THR A 225 8.35 -33.00 -0.15
N THR A 226 7.82 -33.92 -0.92
CA THR A 226 8.66 -34.75 -1.79
C THR A 226 8.18 -34.79 -3.21
N VAL A 227 9.07 -35.18 -4.10
CA VAL A 227 8.70 -35.35 -5.48
C VAL A 227 7.54 -36.36 -5.59
N ALA A 228 7.63 -37.45 -4.84
CA ALA A 228 6.59 -38.47 -4.95
C ALA A 228 5.21 -37.91 -4.58
N GLU A 229 5.12 -37.15 -3.50
CA GLU A 229 3.84 -36.59 -3.06
C GLU A 229 3.31 -35.58 -4.03
N GLN A 230 4.18 -34.76 -4.61
CA GLN A 230 3.71 -33.80 -5.64
C GLN A 230 3.18 -34.53 -6.84
N ARG A 231 3.92 -35.53 -7.31
CA ARG A 231 3.45 -36.27 -8.48
C ARG A 231 2.13 -36.96 -8.22
N ALA A 232 1.93 -37.47 -7.00
CA ALA A 232 0.69 -38.17 -6.66
C ALA A 232 -0.49 -37.25 -6.40
N SER A 233 -0.24 -36.09 -5.77
N SER A 233 -0.27 -36.10 -5.74
CA SER A 233 -1.34 -35.38 -5.15
CA SER A 233 -1.39 -35.36 -5.17
C SER A 233 -1.47 -33.91 -5.45
C SER A 233 -1.35 -33.83 -5.26
N ASN A 234 -0.48 -33.28 -6.09
CA ASN A 234 -0.58 -31.83 -6.30
C ASN A 234 -1.88 -31.48 -7.06
N ILE A 235 -2.65 -30.56 -6.48
CA ILE A 235 -4.00 -30.37 -7.01
C ILE A 235 -4.02 -29.74 -8.40
N HIS A 236 -2.93 -29.07 -8.74
CA HIS A 236 -2.80 -28.44 -10.05
C HIS A 236 -2.02 -29.27 -11.06
N ILE A 237 -1.02 -30.02 -10.60
CA ILE A 237 -0.01 -30.54 -11.55
C ILE A 237 0.50 -31.93 -11.18
N HIS A 238 -0.38 -32.74 -10.57
CA HIS A 238 -0.06 -34.15 -10.35
C HIS A 238 0.14 -34.84 -11.70
N GLN A 239 0.68 -36.06 -11.63
N GLN A 239 0.68 -36.06 -11.65
CA GLN A 239 1.13 -36.74 -12.83
CA GLN A 239 1.15 -36.74 -12.86
C GLN A 239 0.07 -36.88 -13.92
C GLN A 239 0.07 -36.98 -13.92
N GLY A 240 -1.19 -36.96 -13.51
CA GLY A 240 -2.28 -37.11 -14.47
C GLY A 240 -2.61 -35.88 -15.32
N ILE A 241 -2.04 -34.72 -15.00
CA ILE A 241 -2.40 -33.47 -15.68
C ILE A 241 -1.44 -33.21 -16.82
N ASP A 242 -1.96 -33.10 -18.04
CA ASP A 242 -1.06 -32.80 -19.16
C ASP A 242 -0.82 -31.31 -19.35
N GLU A 243 0.13 -30.98 -20.22
CA GLU A 243 0.53 -29.62 -20.40
C GLU A 243 -0.62 -28.68 -20.80
N ASP A 244 -1.38 -29.08 -21.82
CA ASP A 244 -2.49 -28.27 -22.28
C ASP A 244 -3.53 -28.06 -21.17
N SER A 245 -3.81 -29.11 -20.41
N SER A 245 -3.81 -29.11 -20.41
CA SER A 245 -4.80 -28.98 -19.33
CA SER A 245 -4.78 -29.02 -19.30
C SER A 245 -4.31 -28.05 -18.23
C SER A 245 -4.30 -28.06 -18.24
N PHE A 246 -3.03 -28.19 -17.87
CA PHE A 246 -2.46 -27.27 -16.90
C PHE A 246 -2.53 -25.82 -17.38
N VAL A 247 -2.18 -25.61 -18.64
CA VAL A 247 -2.16 -24.25 -19.16
C VAL A 247 -3.57 -23.59 -19.11
N ALA A 248 -4.58 -24.36 -19.53
CA ALA A 248 -5.96 -23.85 -19.48
C ALA A 248 -6.35 -23.51 -18.04
N MET A 249 -6.05 -24.43 -17.13
CA MET A 249 -6.35 -24.17 -15.72
C MET A 249 -5.63 -22.94 -15.18
N ARG A 250 -4.31 -22.92 -15.36
CA ARG A 250 -3.49 -21.90 -14.77
C ARG A 250 -3.85 -20.52 -15.30
N GLU A 251 -4.10 -20.45 -16.60
CA GLU A 251 -4.42 -19.16 -17.21
C GLU A 251 -5.80 -18.64 -16.79
N ALA A 252 -6.74 -19.57 -16.64
CA ALA A 252 -8.10 -19.13 -16.22
C ALA A 252 -8.04 -18.71 -14.75
N ARG A 253 -7.22 -19.44 -13.98
CA ARG A 253 -7.07 -19.06 -12.57
C ARG A 253 -6.40 -17.72 -12.36
N ASP A 254 -5.38 -17.43 -13.17
CA ASP A 254 -4.67 -16.17 -13.00
C ASP A 254 -5.55 -14.94 -13.22
N LYS A 255 -6.53 -15.10 -14.11
CA LYS A 255 -7.45 -13.98 -14.42
C LYS A 255 -8.24 -13.53 -13.19
N THR A 256 -8.32 -14.38 -12.16
CA THR A 256 -9.07 -14.04 -10.96
C THR A 256 -8.26 -13.46 -9.81
N LEU A 257 -6.93 -13.40 -9.94
CA LEU A 257 -6.10 -13.00 -8.79
C LEU A 257 -5.83 -11.50 -8.78
N GLU A 258 -5.76 -10.90 -7.58
CA GLU A 258 -5.36 -9.50 -7.50
C GLU A 258 -3.86 -9.37 -7.37
N MET A 259 -3.37 -8.15 -7.53
CA MET A 259 -1.94 -7.88 -7.40
C MET A 259 -1.51 -8.08 -5.97
N PRO A 260 -0.28 -8.58 -5.77
CA PRO A 260 0.24 -8.64 -4.41
C PRO A 260 0.28 -7.23 -3.82
N VAL A 261 0.01 -7.11 -2.53
CA VAL A 261 0.05 -5.81 -1.85
C VAL A 261 1.36 -5.10 -2.13
N LEU A 262 2.47 -5.84 -2.11
CA LEU A 262 3.76 -5.17 -2.20
C LEU A 262 4.46 -5.30 -3.57
N ILE A 263 3.70 -5.58 -4.64
CA ILE A 263 4.38 -5.77 -5.94
C ILE A 263 5.22 -4.60 -6.41
N LEU A 264 4.65 -3.39 -6.32
CA LEU A 264 5.40 -2.24 -6.80
C LEU A 264 6.59 -1.83 -5.91
N PRO A 265 6.42 -1.80 -4.58
CA PRO A 265 7.62 -1.59 -3.78
C PRO A 265 8.69 -2.72 -3.99
N SER A 266 8.25 -3.98 -4.01
CA SER A 266 9.16 -5.10 -3.98
C SER A 266 10.04 -5.19 -5.22
N VAL A 267 9.42 -5.07 -6.40
N VAL A 267 9.40 -5.08 -6.40
CA VAL A 267 10.19 -5.37 -7.61
CA VAL A 267 10.16 -5.35 -7.63
C VAL A 267 11.21 -4.27 -7.95
C VAL A 267 11.25 -4.31 -7.81
N GLN A 268 10.93 -3.02 -7.55
CA GLN A 268 11.90 -1.96 -7.79
C GLN A 268 13.06 -1.98 -6.82
N VAL A 269 12.89 -2.64 -5.68
CA VAL A 269 14.00 -2.89 -4.78
C VAL A 269 14.77 -4.17 -5.17
N ASN A 270 14.01 -5.23 -5.42
CA ASN A 270 14.66 -6.51 -5.70
C ASN A 270 15.40 -6.51 -7.02
N MET A 271 14.99 -5.67 -7.95
CA MET A 271 15.71 -5.56 -9.22
C MET A 271 17.05 -4.89 -9.06
N ARG A 272 17.26 -4.27 -7.88
CA ARG A 272 18.50 -3.62 -7.51
C ARG A 272 19.31 -4.42 -6.52
N SER A 273 19.06 -5.73 -6.43
CA SER A 273 19.76 -6.61 -5.48
C SER A 273 19.53 -6.16 -4.01
N GLY A 274 18.32 -5.67 -3.76
CA GLY A 274 17.94 -5.35 -2.40
C GLY A 274 18.36 -3.97 -1.95
N GLN A 275 18.77 -3.11 -2.87
CA GLN A 275 19.11 -1.76 -2.49
C GLN A 275 17.88 -0.90 -2.70
N LEU A 276 17.75 0.13 -1.87
CA LEU A 276 16.70 1.11 -2.09
C LEU A 276 17.13 1.99 -3.25
N PRO A 277 16.18 2.62 -3.95
CA PRO A 277 16.62 3.54 -5.03
C PRO A 277 17.60 4.62 -4.51
N PRO A 278 18.48 5.11 -5.39
CA PRO A 278 19.48 6.07 -4.90
C PRO A 278 18.78 7.36 -4.47
N PRO A 279 19.25 7.96 -3.37
CA PRO A 279 18.56 9.16 -2.88
C PRO A 279 18.58 10.31 -3.85
N GLU A 280 17.52 11.13 -3.80
CA GLU A 280 17.44 12.33 -4.59
C GLU A 280 18.27 13.43 -3.88
N ALA A 281 18.30 14.64 -4.45
CA ALA A 281 19.14 15.73 -3.97
C ALA A 281 18.91 16.14 -2.51
N ASN A 282 17.74 15.84 -1.97
CA ASN A 282 17.43 16.16 -0.58
C ASN A 282 17.88 15.10 0.38
N GLY A 283 18.54 14.05 -0.12
CA GLY A 283 19.01 12.99 0.73
C GLY A 283 17.98 11.94 1.14
N VAL A 284 16.84 11.94 0.47
CA VAL A 284 15.80 10.95 0.75
C VAL A 284 15.63 10.02 -0.46
N SER A 285 15.51 8.70 -0.18
CA SER A 285 15.15 7.75 -1.23
C SER A 285 13.65 7.60 -1.33
N TYR A 286 13.19 7.47 -2.56
CA TYR A 286 11.78 7.26 -2.85
C TYR A 286 11.49 6.01 -3.68
N LEU A 287 10.47 5.27 -3.29
CA LEU A 287 9.81 4.36 -4.23
C LEU A 287 8.96 5.13 -5.20
N LYS A 288 8.93 4.68 -6.44
CA LYS A 288 8.04 5.22 -7.46
C LYS A 288 6.91 4.28 -7.73
N ILE A 289 5.69 4.79 -7.62
CA ILE A 289 4.49 4.02 -7.88
C ILE A 289 3.90 4.49 -9.21
N PRO A 290 4.10 3.71 -10.30
CA PRO A 290 3.51 4.12 -11.58
C PRO A 290 2.00 4.14 -11.48
N LEU A 291 1.36 5.19 -12.01
CA LEU A 291 -0.07 5.32 -11.89
C LEU A 291 -0.74 4.82 -13.17
N ASN A 292 -1.73 3.96 -13.01
CA ASN A 292 -2.53 3.49 -14.12
C ASN A 292 -1.73 2.83 -15.22
N LYS A 293 -0.72 2.05 -14.81
CA LYS A 293 0.17 1.36 -15.75
C LYS A 293 0.16 -0.14 -15.58
N LEU A 294 0.31 -0.60 -14.35
CA LEU A 294 0.38 -2.03 -14.06
C LEU A 294 -1.00 -2.66 -14.22
N MET B 1 -31.74 14.49 2.69
CA MET B 1 -32.52 15.15 3.73
C MET B 1 -32.64 16.64 3.44
N ILE B 2 -33.70 17.22 3.95
CA ILE B 2 -33.90 18.67 3.79
C ILE B 2 -33.83 19.37 5.14
N ILE B 3 -32.94 20.34 5.23
CA ILE B 3 -32.86 21.22 6.38
C ILE B 3 -33.58 22.54 6.03
N GLY B 4 -34.38 23.05 6.95
CA GLY B 4 -35.17 24.26 6.68
C GLY B 4 -36.09 23.96 5.52
N ASN B 5 -36.19 24.88 4.56
CA ASN B 5 -36.98 24.57 3.38
C ASN B 5 -36.16 24.19 2.16
N ASN B 6 -34.99 24.79 2.02
CA ASN B 6 -34.31 24.70 0.75
C ASN B 6 -32.91 24.10 0.77
N LEU B 7 -32.45 23.75 1.97
CA LEU B 7 -31.15 23.08 2.15
C LEU B 7 -31.22 21.56 1.97
N HIS B 8 -30.90 21.14 0.77
CA HIS B 8 -30.92 19.75 0.37
C HIS B 8 -29.53 19.13 0.56
N VAL B 9 -29.44 18.04 1.33
CA VAL B 9 -28.15 17.40 1.59
C VAL B 9 -28.25 15.88 1.32
N ASP B 10 -27.46 15.38 0.40
CA ASP B 10 -27.31 13.94 0.17
C ASP B 10 -25.93 13.56 0.71
N ALA B 11 -25.88 12.44 1.44
CA ALA B 11 -24.62 11.84 1.91
C ALA B 11 -24.25 10.59 1.11
N PHE B 12 -22.97 10.47 0.75
CA PHE B 12 -22.48 9.31 0.01
C PHE B 12 -21.33 8.69 0.81
N TYR B 13 -21.43 7.40 1.13
CA TYR B 13 -20.45 6.82 2.05
C TYR B 13 -19.56 5.88 1.26
N ASP B 14 -18.27 6.06 1.42
CA ASP B 14 -17.33 5.18 0.76
C ASP B 14 -16.87 4.10 1.73
N GLU B 15 -17.22 2.85 1.42
CA GLU B 15 -16.88 1.74 2.32
C GLU B 15 -15.38 1.56 2.51
N ALA B 16 -14.63 1.69 1.44
CA ALA B 16 -13.20 1.42 1.50
C ALA B 16 -12.45 2.37 2.45
N THR B 17 -12.84 3.64 2.44
CA THR B 17 -12.12 4.62 3.24
C THR B 17 -12.93 5.25 4.40
N SER B 18 -14.21 4.90 4.51
CA SER B 18 -15.13 5.38 5.54
C SER B 18 -15.43 6.87 5.42
N THR B 19 -15.14 7.43 4.24
CA THR B 19 -15.40 8.85 3.94
C THR B 19 -16.83 9.08 3.60
N ILE B 20 -17.39 10.17 4.14
CA ILE B 20 -18.73 10.62 3.77
C ILE B 20 -18.55 11.85 2.88
N SER B 21 -18.99 11.74 1.61
CA SER B 21 -19.00 12.87 0.68
C SER B 21 -20.43 13.41 0.61
N TYR B 22 -20.56 14.69 0.30
CA TYR B 22 -21.87 15.32 0.25
C TYR B 22 -22.16 16.10 -1.02
N LEU B 23 -23.43 16.01 -1.38
CA LEU B 23 -24.00 16.90 -2.37
C LEU B 23 -24.96 17.86 -1.61
N VAL B 24 -24.67 19.15 -1.68
CA VAL B 24 -25.44 20.18 -0.96
C VAL B 24 -26.05 21.12 -1.99
N MET B 25 -27.37 21.09 -2.07
CA MET B 25 -28.05 21.84 -3.14
C MET B 25 -29.05 22.85 -2.59
N ASP B 26 -29.08 24.00 -3.26
CA ASP B 26 -30.15 24.98 -3.08
C ASP B 26 -31.36 24.53 -3.88
N ARG B 27 -32.39 24.10 -3.18
CA ARG B 27 -33.60 23.58 -3.88
C ARG B 27 -34.24 24.57 -4.85
N GLU B 28 -34.00 25.87 -4.68
CA GLU B 28 -34.57 26.88 -5.57
C GLU B 28 -33.77 27.01 -6.87
N THR B 29 -32.51 27.46 -6.78
CA THR B 29 -31.72 27.68 -7.98
C THR B 29 -31.17 26.38 -8.57
N ARG B 30 -31.16 25.32 -7.75
CA ARG B 30 -30.50 24.03 -8.10
C ARG B 30 -28.99 24.10 -8.19
N GLN B 31 -28.39 25.19 -7.71
CA GLN B 31 -26.94 25.24 -7.65
C GLN B 31 -26.51 24.38 -6.46
N CYS B 32 -25.35 23.77 -6.60
CA CYS B 32 -24.86 22.87 -5.54
C CYS B 32 -23.39 22.96 -5.27
N ALA B 33 -23.00 22.32 -4.17
CA ALA B 33 -21.60 22.12 -3.77
C ALA B 33 -21.40 20.61 -3.57
N LEU B 34 -20.26 20.09 -4.02
CA LEU B 34 -19.86 18.72 -3.72
C LEU B 34 -18.73 18.83 -2.72
N ILE B 35 -18.86 18.12 -1.59
CA ILE B 35 -17.88 18.22 -0.51
C ILE B 35 -17.15 16.87 -0.29
N ASP B 36 -15.82 16.92 -0.27
CA ASP B 36 -14.95 15.81 0.13
C ASP B 36 -15.20 14.55 -0.73
N SER B 37 -15.16 14.77 -2.02
CA SER B 37 -15.37 13.69 -2.98
C SER B 37 -14.20 12.75 -3.00
N VAL B 38 -14.49 11.51 -3.36
CA VAL B 38 -13.47 10.45 -3.34
C VAL B 38 -13.10 9.94 -4.75
N LEU B 39 -11.81 9.93 -5.04
CA LEU B 39 -11.31 9.32 -6.26
C LEU B 39 -10.79 7.94 -5.80
N ASP B 40 -11.40 6.85 -6.28
CA ASP B 40 -11.00 5.51 -5.81
C ASP B 40 -9.57 5.19 -6.20
N TYR B 41 -8.85 4.53 -5.29
CA TYR B 41 -7.44 4.26 -5.52
C TYR B 41 -7.09 2.88 -4.99
N ASP B 42 -6.48 2.05 -5.83
CA ASP B 42 -6.01 0.71 -5.40
C ASP B 42 -4.50 0.81 -5.20
N PRO B 43 -4.06 0.82 -3.93
CA PRO B 43 -2.63 1.10 -3.76
C PRO B 43 -1.76 -0.05 -4.26
N LYS B 44 -2.30 -1.26 -4.37
CA LYS B 44 -1.48 -2.41 -4.80
C LYS B 44 -1.05 -2.28 -6.26
N SER B 45 -1.94 -1.73 -7.08
CA SER B 45 -1.72 -1.68 -8.52
C SER B 45 -1.50 -0.27 -9.03
N GLY B 46 -1.68 0.72 -8.16
CA GLY B 46 -1.58 2.11 -8.59
C GLY B 46 -2.69 2.60 -9.49
N ARG B 47 -3.86 1.97 -9.40
CA ARG B 47 -4.94 2.33 -10.30
C ARG B 47 -5.95 3.24 -9.62
N THR B 48 -6.29 4.33 -10.30
CA THR B 48 -7.40 5.14 -9.86
C THR B 48 -8.63 4.79 -10.68
N CYS B 49 -9.78 5.16 -10.16
CA CYS B 49 -11.05 4.77 -10.74
C CYS B 49 -12.04 5.85 -10.32
N SER B 50 -13.04 6.14 -11.14
CA SER B 50 -13.94 7.26 -10.84
C SER B 50 -15.33 6.80 -10.40
N ALA B 51 -15.44 5.53 -9.97
CA ALA B 51 -16.75 4.97 -9.63
C ALA B 51 -17.52 5.77 -8.59
N SER B 52 -16.87 6.10 -7.47
CA SER B 52 -17.52 6.84 -6.41
C SER B 52 -17.92 8.22 -6.90
N ALA B 53 -16.99 8.87 -7.61
CA ALA B 53 -17.24 10.21 -8.13
C ALA B 53 -18.41 10.21 -9.10
N ASP B 54 -18.52 9.14 -9.89
CA ASP B 54 -19.59 9.03 -10.88
C ASP B 54 -20.97 8.93 -10.25
N ARG B 55 -21.04 8.44 -9.03
N ARG B 55 -21.05 8.46 -9.02
CA ARG B 55 -22.28 8.48 -8.26
CA ARG B 55 -22.31 8.49 -8.28
C ARG B 55 -22.75 9.92 -8.07
C ARG B 55 -22.76 9.91 -7.97
N LEU B 56 -21.81 10.80 -7.78
CA LEU B 56 -22.13 12.21 -7.56
C LEU B 56 -22.59 12.81 -8.87
N VAL B 57 -21.88 12.50 -9.94
CA VAL B 57 -22.23 13.03 -11.28
C VAL B 57 -23.66 12.69 -11.62
N GLU B 58 -24.02 11.44 -11.37
CA GLU B 58 -25.35 10.96 -11.66
C GLU B 58 -26.43 11.62 -10.81
N ARG B 59 -26.11 11.87 -9.55
CA ARG B 59 -27.03 12.51 -8.65
C ARG B 59 -27.23 13.97 -9.06
N VAL B 60 -26.14 14.64 -9.46
CA VAL B 60 -26.25 16.05 -9.92
C VAL B 60 -27.20 16.11 -11.11
N ASN B 61 -27.00 15.18 -12.05
CA ASN B 61 -27.89 15.16 -13.22
C ASN B 61 -29.34 14.80 -12.94
N GLU B 62 -29.55 13.84 -12.04
CA GLU B 62 -30.89 13.42 -11.58
C GLU B 62 -31.65 14.60 -10.95
N LEU B 63 -30.90 15.44 -10.25
CA LEU B 63 -31.46 16.65 -9.61
C LEU B 63 -31.57 17.85 -10.54
N ASN B 64 -31.08 17.75 -11.77
CA ASN B 64 -30.97 18.92 -12.67
C ASN B 64 -30.19 20.06 -12.05
N ALA B 65 -29.17 19.69 -11.30
CA ALA B 65 -28.35 20.66 -10.58
C ALA B 65 -27.16 21.13 -11.36
N SER B 66 -26.56 22.20 -10.86
N SER B 66 -26.56 22.21 -10.86
CA SER B 66 -25.37 22.77 -11.47
CA SER B 66 -25.39 22.82 -11.46
C SER B 66 -24.34 23.00 -10.37
C SER B 66 -24.34 23.00 -10.37
N VAL B 67 -23.16 22.43 -10.56
CA VAL B 67 -22.13 22.56 -9.56
C VAL B 67 -21.54 23.98 -9.59
N ARG B 68 -21.60 24.62 -8.43
CA ARG B 68 -20.95 25.89 -8.20
C ARG B 68 -19.63 25.76 -7.47
N TRP B 69 -19.55 24.81 -6.53
CA TRP B 69 -18.37 24.64 -5.67
C TRP B 69 -17.99 23.18 -5.58
N VAL B 70 -16.71 22.92 -5.67
CA VAL B 70 -16.16 21.61 -5.33
C VAL B 70 -15.28 21.87 -4.11
N LEU B 71 -15.77 21.45 -2.93
CA LEU B 71 -15.11 21.81 -1.68
C LEU B 71 -14.35 20.64 -1.06
N GLU B 72 -13.27 20.98 -0.36
CA GLU B 72 -12.55 20.02 0.47
C GLU B 72 -12.45 20.63 1.89
N THR B 73 -12.82 19.85 2.91
CA THR B 73 -12.66 20.34 4.28
C THR B 73 -11.18 20.43 4.64
N HIS B 74 -10.35 19.51 4.14
CA HIS B 74 -8.95 19.53 4.49
C HIS B 74 -8.18 18.70 3.46
N VAL B 75 -6.86 18.71 3.56
CA VAL B 75 -6.04 17.84 2.74
C VAL B 75 -6.05 16.43 3.36
N HIS B 76 -6.88 15.57 2.80
CA HIS B 76 -7.15 14.27 3.39
C HIS B 76 -5.96 13.31 3.36
N ALA B 77 -5.78 12.58 4.45
CA ALA B 77 -4.74 11.60 4.56
C ALA B 77 -5.26 10.23 4.23
N ASP B 78 -6.54 10.03 4.04
CA ASP B 78 -7.01 8.65 3.94
C ASP B 78 -7.58 8.28 2.58
N HIS B 79 -7.72 9.27 1.69
CA HIS B 79 -8.26 9.00 0.36
C HIS B 79 -7.79 10.07 -0.56
N LEU B 80 -7.77 9.76 -1.84
CA LEU B 80 -7.55 10.77 -2.86
C LEU B 80 -8.84 11.49 -3.17
N SER B 81 -8.73 12.81 -3.37
CA SER B 81 -9.85 13.65 -3.74
C SER B 81 -10.21 13.51 -5.20
N ALA B 82 -11.51 13.52 -5.48
CA ALA B 82 -12.00 13.55 -6.86
C ALA B 82 -12.34 14.97 -7.36
N ALA B 83 -11.82 15.99 -6.69
CA ALA B 83 -12.23 17.35 -7.03
C ALA B 83 -11.82 17.74 -8.44
N ALA B 84 -10.64 17.36 -8.88
CA ALA B 84 -10.21 17.76 -10.22
C ALA B 84 -11.03 17.01 -11.28
N TYR B 85 -11.24 15.72 -11.05
CA TYR B 85 -12.09 14.92 -11.93
C TYR B 85 -13.49 15.51 -12.02
N LEU B 86 -14.09 15.85 -10.88
CA LEU B 86 -15.43 16.42 -10.89
C LEU B 86 -15.51 17.82 -11.47
N LYS B 87 -14.52 18.67 -11.22
CA LYS B 87 -14.58 20.03 -11.80
C LYS B 87 -14.49 19.93 -13.32
N GLU B 88 -13.70 18.97 -13.79
CA GLU B 88 -13.57 18.80 -15.24
C GLU B 88 -14.89 18.35 -15.87
N LYS B 89 -15.63 17.48 -15.20
CA LYS B 89 -16.85 16.94 -15.77
C LYS B 89 -18.00 17.90 -15.61
N LEU B 90 -18.01 18.63 -14.49
CA LEU B 90 -19.21 19.27 -14.02
C LEU B 90 -19.06 20.78 -13.90
N GLY B 91 -17.83 21.26 -13.95
CA GLY B 91 -17.59 22.69 -13.78
C GLY B 91 -17.58 23.06 -12.31
N GLY B 92 -17.70 24.37 -12.06
CA GLY B 92 -17.62 24.91 -10.71
C GLY B 92 -16.22 25.31 -10.33
N HIS B 93 -16.07 25.84 -9.14
CA HIS B 93 -14.77 26.25 -8.64
C HIS B 93 -14.40 25.38 -7.46
N THR B 94 -13.13 25.03 -7.38
CA THR B 94 -12.62 24.32 -6.21
C THR B 94 -12.26 25.34 -5.12
N ALA B 95 -12.50 24.99 -3.85
CA ALA B 95 -12.08 25.83 -2.72
C ALA B 95 -11.52 24.97 -1.61
N ILE B 96 -10.60 25.55 -0.87
CA ILE B 96 -10.00 24.89 0.27
C ILE B 96 -9.55 26.00 1.24
N GLY B 97 -9.22 25.64 2.47
CA GLY B 97 -8.73 26.63 3.41
C GLY B 97 -7.47 27.37 2.99
N ALA B 98 -7.43 28.66 3.28
CA ALA B 98 -6.24 29.46 2.94
C ALA B 98 -4.91 28.97 3.50
N HIS B 99 -4.94 28.20 4.59
CA HIS B 99 -3.70 27.70 5.14
C HIS B 99 -3.19 26.45 4.44
N ILE B 100 -3.79 26.15 3.30
CA ILE B 100 -3.27 25.10 2.40
C ILE B 100 -1.78 25.32 2.14
N THR B 101 -1.37 26.59 2.10
CA THR B 101 0.01 26.96 1.75
C THR B 101 1.00 26.34 2.72
N GLN B 102 0.62 26.22 3.98
CA GLN B 102 1.48 25.61 4.99
C GLN B 102 1.59 24.08 4.79
N VAL B 103 0.49 23.48 4.36
CA VAL B 103 0.47 22.05 4.07
C VAL B 103 1.32 21.82 2.83
N GLN B 104 1.16 22.66 1.81
CA GLN B 104 1.98 22.48 0.59
C GLN B 104 3.48 22.65 0.85
N LYS B 105 3.83 23.58 1.71
CA LYS B 105 5.23 23.80 2.05
C LYS B 105 5.82 22.54 2.65
N VAL B 106 5.11 21.98 3.64
CA VAL B 106 5.57 20.80 4.35
C VAL B 106 5.63 19.57 3.45
N PHE B 107 4.57 19.31 2.71
CA PHE B 107 4.55 18.09 1.89
C PHE B 107 5.24 18.23 0.53
N GLY B 108 5.31 19.43 -0.02
CA GLY B 108 6.21 19.66 -1.16
C GLY B 108 7.65 19.25 -0.85
N ALA B 109 8.10 19.54 0.36
CA ALA B 109 9.42 19.14 0.80
C ALA B 109 9.49 17.61 1.02
N LEU B 110 8.50 17.05 1.71
CA LEU B 110 8.51 15.62 2.03
C LEU B 110 8.58 14.76 0.76
N PHE B 111 7.85 15.14 -0.27
CA PHE B 111 7.77 14.36 -1.48
C PHE B 111 8.76 14.85 -2.52
N ASN B 112 9.62 15.76 -2.08
CA ASN B 112 10.60 16.44 -2.94
C ASN B 112 9.99 16.81 -4.28
N ALA B 113 8.92 17.59 -4.23
CA ALA B 113 8.15 17.89 -5.43
C ALA B 113 8.96 18.56 -6.51
N GLU B 114 8.48 18.39 -7.74
CA GLU B 114 9.14 18.94 -8.92
C GLU B 114 9.11 20.48 -8.83
N PRO B 115 10.03 21.17 -9.51
N PRO B 115 10.11 21.11 -9.46
CA PRO B 115 10.18 22.61 -9.20
CA PRO B 115 10.24 22.55 -9.61
C PRO B 115 9.11 23.56 -9.77
C PRO B 115 9.18 23.07 -10.56
N GLY B 116 7.94 23.04 -10.11
CA GLY B 116 6.88 23.81 -10.72
C GLY B 116 5.65 23.69 -9.84
N PHE B 117 5.81 22.91 -8.77
CA PHE B 117 4.74 22.70 -7.81
C PHE B 117 4.58 23.95 -6.95
N ALA B 118 3.42 24.59 -7.09
CA ALA B 118 3.14 25.85 -6.39
C ALA B 118 2.87 25.59 -4.90
N ARG B 119 3.40 26.45 -4.03
CA ARG B 119 3.16 26.35 -2.59
CA ARG B 119 3.14 26.33 -2.60
C ARG B 119 2.24 27.48 -2.09
N ASP B 120 1.55 28.12 -3.00
CA ASP B 120 0.69 29.27 -2.67
C ASP B 120 -0.79 28.98 -2.90
N GLY B 121 -1.13 27.70 -3.03
CA GLY B 121 -2.52 27.29 -3.22
C GLY B 121 -3.15 27.64 -4.54
N SER B 122 -2.36 28.06 -5.53
CA SER B 122 -2.91 28.47 -6.83
C SER B 122 -3.50 27.34 -7.68
N GLN B 123 -3.26 26.09 -7.25
CA GLN B 123 -3.88 24.94 -7.89
C GLN B 123 -5.38 24.95 -7.62
N PHE B 124 -5.78 25.62 -6.54
CA PHE B 124 -7.20 25.74 -6.16
C PHE B 124 -7.80 27.04 -6.67
N ASP B 125 -9.07 27.03 -7.04
CA ASP B 125 -9.68 28.25 -7.55
C ASP B 125 -9.88 29.34 -6.49
N VAL B 126 -10.22 28.92 -5.28
CA VAL B 126 -10.58 29.86 -4.23
C VAL B 126 -9.97 29.42 -2.90
N LEU B 127 -9.36 30.33 -2.15
CA LEU B 127 -8.81 30.02 -0.82
C LEU B 127 -9.71 30.70 0.19
N LEU B 128 -10.21 29.96 1.15
CA LEU B 128 -11.26 30.47 2.07
C LEU B 128 -10.67 30.85 3.42
N GLU B 129 -11.01 32.03 3.90
CA GLU B 129 -10.60 32.50 5.21
C GLU B 129 -11.64 32.26 6.31
N ASP B 130 -11.21 32.35 7.57
CA ASP B 130 -12.14 32.17 8.68
C ASP B 130 -13.31 33.15 8.62
N GLU B 131 -14.52 32.61 8.71
CA GLU B 131 -15.79 33.33 8.73
C GLU B 131 -16.12 33.98 7.41
N GLU B 132 -15.41 33.62 6.34
CA GLU B 132 -15.71 34.17 5.02
C GLU B 132 -17.01 33.62 4.42
N GLY B 133 -17.90 34.48 3.93
CA GLY B 133 -19.12 33.96 3.37
C GLY B 133 -18.96 33.53 1.93
N PHE B 134 -19.78 32.57 1.57
CA PHE B 134 -19.93 32.16 0.16
C PHE B 134 -21.35 31.68 -0.05
N ARG B 135 -21.77 31.63 -1.33
N ARG B 135 -21.80 31.65 -1.31
CA ARG B 135 -23.15 31.33 -1.67
CA ARG B 135 -23.20 31.32 -1.55
C ARG B 135 -23.29 30.03 -2.42
C ARG B 135 -23.34 30.09 -2.42
N ILE B 136 -24.36 29.31 -2.15
CA ILE B 136 -24.73 28.18 -2.99
C ILE B 136 -26.14 28.54 -3.46
N GLY B 137 -26.21 29.15 -4.63
CA GLY B 137 -27.48 29.71 -5.07
C GLY B 137 -27.96 30.76 -4.08
N ASN B 138 -29.18 30.63 -3.59
CA ASN B 138 -29.70 31.57 -2.61
C ASN B 138 -29.28 31.20 -1.18
N LEU B 139 -28.61 30.05 -1.00
CA LEU B 139 -28.21 29.62 0.34
C LEU B 139 -26.96 30.42 0.77
N GLN B 140 -27.01 30.97 1.98
CA GLN B 140 -25.84 31.62 2.54
C GLN B 140 -25.00 30.60 3.31
N ALA B 141 -23.75 30.52 2.90
CA ALA B 141 -22.77 29.65 3.57
C ALA B 141 -21.66 30.46 4.21
N ARG B 142 -20.88 29.82 5.09
CA ARG B 142 -19.75 30.52 5.68
C ARG B 142 -18.68 29.47 5.93
N ALA B 143 -17.45 29.81 5.57
CA ALA B 143 -16.34 28.93 5.89
C ALA B 143 -15.80 29.24 7.29
N LEU B 144 -15.50 28.22 8.07
CA LEU B 144 -14.92 28.45 9.39
C LEU B 144 -13.60 27.71 9.44
N HIS B 145 -12.54 28.40 9.83
CA HIS B 145 -11.24 27.77 10.04
C HIS B 145 -11.23 27.04 11.34
N THR B 146 -11.12 25.71 11.23
CA THR B 146 -11.24 24.86 12.41
C THR B 146 -10.07 23.88 12.46
N PRO B 147 -8.86 24.39 12.64
CA PRO B 147 -7.68 23.53 12.60
C PRO B 147 -7.54 22.62 13.82
N GLY B 148 -6.54 21.74 13.75
CA GLY B 148 -6.18 20.90 14.89
C GLY B 148 -5.84 19.49 14.40
N HIS B 149 -6.75 18.91 13.61
CA HIS B 149 -6.41 17.68 12.82
C HIS B 149 -5.38 17.98 11.72
N THR B 150 -5.50 19.13 11.06
CA THR B 150 -4.47 19.71 10.22
C THR B 150 -4.50 21.22 10.45
N PRO B 151 -3.45 21.94 10.02
N PRO B 151 -3.44 21.93 10.03
CA PRO B 151 -3.45 23.40 10.21
CA PRO B 151 -3.43 23.38 10.21
C PRO B 151 -4.46 24.12 9.33
C PRO B 151 -4.42 24.13 9.31
N ALA B 152 -5.01 23.44 8.33
CA ALA B 152 -5.79 24.10 7.31
C ALA B 152 -7.27 23.78 7.30
N CYS B 153 -7.69 22.85 8.17
CA CYS B 153 -9.05 22.34 8.16
C CYS B 153 -10.09 23.44 8.20
N MET B 154 -11.11 23.29 7.37
CA MET B 154 -12.27 24.18 7.39
C MET B 154 -13.52 23.39 7.69
N SER B 155 -14.49 24.09 8.27
CA SER B 155 -15.86 23.58 8.40
C SER B 155 -16.74 24.50 7.58
N PHE B 156 -17.79 23.94 7.01
CA PHE B 156 -18.69 24.75 6.17
C PHE B 156 -20.06 24.83 6.81
N MET B 157 -20.45 26.06 7.17
N MET B 157 -20.46 26.05 7.16
CA MET B 157 -21.74 26.35 7.79
CA MET B 157 -21.75 26.27 7.80
C MET B 157 -22.72 26.77 6.68
C MET B 157 -22.74 26.83 6.78
N ILE B 158 -23.95 26.26 6.75
CA ILE B 158 -24.97 26.67 5.74
C ILE B 158 -26.23 26.83 6.51
N GLU B 159 -27.02 27.86 6.21
N GLU B 159 -26.98 27.88 6.18
CA GLU B 159 -28.23 28.11 6.97
CA GLU B 159 -28.22 28.23 6.85
C GLU B 159 -29.41 28.34 6.03
C GLU B 159 -29.42 28.17 5.89
N ASP B 160 -30.58 27.88 6.44
CA ASP B 160 -31.83 28.18 5.73
C ASP B 160 -32.96 28.20 6.70
N ALA B 161 -33.79 29.24 6.57
CA ALA B 161 -35.03 29.33 7.34
C ALA B 161 -34.79 29.17 8.83
N GLY B 162 -33.68 29.76 9.29
CA GLY B 162 -33.38 29.79 10.70
C GLY B 162 -32.70 28.52 11.23
N GLU B 163 -32.46 27.53 10.37
CA GLU B 163 -31.78 26.29 10.81
C GLU B 163 -30.39 26.27 10.24
N ILE B 164 -29.44 25.70 10.98
CA ILE B 164 -28.04 25.70 10.52
C ILE B 164 -27.53 24.27 10.38
N ALA B 165 -26.73 24.07 9.34
CA ALA B 165 -25.95 22.80 9.24
C ALA B 165 -24.51 23.15 9.17
N VAL B 166 -23.64 22.29 9.73
CA VAL B 166 -22.20 22.52 9.59
C VAL B 166 -21.52 21.20 9.22
N PHE B 167 -20.80 21.25 8.12
CA PHE B 167 -19.98 20.11 7.68
C PHE B 167 -18.63 20.27 8.33
N VAL B 168 -18.34 19.38 9.29
CA VAL B 168 -17.29 19.67 10.25
C VAL B 168 -15.93 19.07 9.89
N GLY B 169 -15.80 18.39 8.75
CA GLY B 169 -14.53 17.73 8.40
C GLY B 169 -14.10 16.76 9.50
N ASP B 170 -12.80 16.54 9.63
CA ASP B 170 -12.31 15.54 10.60
C ASP B 170 -11.97 16.26 11.90
N THR B 171 -13.00 16.67 12.63
CA THR B 171 -12.86 17.33 13.91
C THR B 171 -13.59 16.50 14.93
N LEU B 172 -14.91 16.63 14.95
CA LEU B 172 -15.77 15.74 15.73
C LEU B 172 -16.11 14.55 14.85
N PHE B 173 -16.23 13.35 15.46
CA PHE B 173 -16.92 12.21 14.84
C PHE B 173 -18.24 12.05 15.61
N MET B 174 -19.02 11.00 15.29
CA MET B 174 -20.28 10.82 16.03
C MET B 174 -20.01 10.77 17.52
N PRO B 175 -20.98 11.06 18.36
CA PRO B 175 -20.70 11.13 19.81
C PRO B 175 -20.10 9.82 20.38
N ASP B 176 -20.51 8.68 19.82
CA ASP B 176 -20.06 7.38 20.34
C ASP B 176 -18.65 7.06 19.89
N TYR B 177 -18.05 7.90 19.04
CA TYR B 177 -16.73 7.59 18.48
C TYR B 177 -15.67 8.61 18.86
N GLY B 178 -16.06 9.85 19.07
CA GLY B 178 -15.15 10.83 19.63
C GLY B 178 -14.69 11.93 18.69
N THR B 179 -13.38 12.02 18.51
CA THR B 179 -12.74 13.10 17.79
C THR B 179 -11.62 12.54 16.90
N ALA B 180 -11.10 13.38 16.02
CA ALA B 180 -10.09 13.00 15.06
C ALA B 180 -8.68 13.05 15.67
N ARG B 181 -7.79 12.27 15.08
CA ARG B 181 -6.40 12.24 15.54
C ARG B 181 -5.66 13.56 15.29
N CYS B 182 -4.62 13.81 16.10
CA CYS B 182 -3.89 15.08 16.03
C CYS B 182 -2.39 14.88 15.92
N ASP B 183 -1.97 13.88 15.16
CA ASP B 183 -0.55 13.55 15.07
C ASP B 183 0.05 13.79 13.68
N PHE B 184 -0.76 14.18 12.70
N PHE B 184 -0.76 14.24 12.73
CA PHE B 184 -0.20 14.46 11.38
CA PHE B 184 -0.34 14.61 11.37
C PHE B 184 0.58 15.80 11.45
C PHE B 184 0.55 15.87 11.45
N PRO B 185 1.43 16.10 10.44
CA PRO B 185 2.27 17.30 10.49
C PRO B 185 1.49 18.57 10.70
N GLY B 186 1.87 19.32 11.72
CA GLY B 186 1.21 20.56 12.03
C GLY B 186 -0.11 20.40 12.79
N ALA B 187 -0.48 19.17 13.11
CA ALA B 187 -1.69 18.93 13.91
C ALA B 187 -1.42 19.27 15.36
N ASP B 188 -2.47 19.48 16.13
CA ASP B 188 -2.31 19.83 17.51
C ASP B 188 -3.62 19.65 18.28
N ALA B 189 -3.58 18.86 19.34
CA ALA B 189 -4.76 18.51 20.14
C ALA B 189 -5.39 19.71 20.79
N ARG B 190 -4.59 20.60 21.37
CA ARG B 190 -5.14 21.79 22.04
C ARG B 190 -5.89 22.68 21.06
N THR B 191 -5.31 22.80 19.87
CA THR B 191 -5.94 23.58 18.81
C THR B 191 -7.28 22.92 18.40
N LEU B 192 -7.28 21.59 18.25
CA LEU B 192 -8.54 20.89 17.89
C LEU B 192 -9.60 21.11 18.97
N TYR B 193 -9.21 21.08 20.25
CA TYR B 193 -10.16 21.33 21.32
C TYR B 193 -10.86 22.68 21.12
N ARG B 194 -10.02 23.69 20.85
CA ARG B 194 -10.58 25.04 20.71
C ARG B 194 -11.48 25.16 19.49
N SER B 195 -11.08 24.52 18.39
CA SER B 195 -11.95 24.47 17.22
C SER B 195 -13.27 23.81 17.50
N ILE B 196 -13.24 22.67 18.20
CA ILE B 196 -14.48 22.01 18.50
C ILE B 196 -15.39 22.82 19.42
N ARG B 197 -14.80 23.52 20.39
CA ARG B 197 -15.62 24.35 21.27
C ARG B 197 -16.27 25.48 20.50
N ARG B 198 -15.60 25.99 19.45
CA ARG B 198 -16.28 26.98 18.58
C ARG B 198 -17.47 26.33 17.88
N LEU B 199 -17.28 25.14 17.29
CA LEU B 199 -18.40 24.43 16.68
C LEU B 199 -19.51 24.14 17.66
N LEU B 200 -19.18 23.83 18.90
CA LEU B 200 -20.22 23.43 19.85
C LEU B 200 -20.86 24.62 20.56
N ALA B 201 -20.45 25.81 20.14
CA ALA B 201 -21.12 27.06 20.60
C ALA B 201 -22.26 27.49 19.69
N PHE B 202 -22.43 26.82 18.57
CA PHE B 202 -23.64 26.94 17.73
C PHE B 202 -24.88 26.48 18.48
N PRO B 203 -26.06 26.88 18.01
CA PRO B 203 -27.30 26.47 18.69
C PRO B 203 -27.42 24.96 18.85
N ASP B 204 -28.00 24.52 19.97
CA ASP B 204 -28.17 23.09 20.24
C ASP B 204 -28.70 22.31 19.08
N GLN B 205 -29.68 22.83 18.38
CA GLN B 205 -30.34 22.07 17.36
C GLN B 205 -29.59 21.99 16.01
N THR B 206 -28.45 22.70 15.92
CA THR B 206 -27.64 22.72 14.72
C THR B 206 -27.28 21.30 14.33
N ARG B 207 -27.44 20.98 13.05
CA ARG B 207 -27.08 19.67 12.54
C ARG B 207 -25.57 19.71 12.19
N LEU B 208 -24.83 18.67 12.58
CA LEU B 208 -23.41 18.52 12.31
C LEU B 208 -23.21 17.28 11.47
N PHE B 209 -22.54 17.45 10.34
CA PHE B 209 -22.35 16.43 9.31
C PHE B 209 -20.93 15.96 9.32
N MET B 210 -20.78 14.64 9.55
CA MET B 210 -19.46 14.04 9.72
C MET B 210 -18.68 13.84 8.42
N CYS B 211 -17.36 13.68 8.54
CA CYS B 211 -16.51 13.48 7.38
C CYS B 211 -16.15 11.99 7.24
N HIS B 212 -16.05 11.33 8.38
CA HIS B 212 -15.80 9.87 8.36
C HIS B 212 -16.75 9.23 9.36
N ASP B 213 -17.04 7.95 9.12
CA ASP B 213 -17.71 7.17 10.16
C ASP B 213 -17.21 5.75 10.07
N TYR B 214 -16.82 5.20 11.20
CA TYR B 214 -16.09 3.93 11.20
C TYR B 214 -16.90 2.78 11.80
N LEU B 215 -18.22 2.93 11.87
CA LEU B 215 -19.08 1.78 12.19
C LEU B 215 -18.63 1.06 13.48
N PRO B 216 -18.48 1.82 14.58
CA PRO B 216 -17.91 1.16 15.78
C PRO B 216 -18.80 0.05 16.28
N GLY B 217 -18.21 -1.08 16.70
CA GLY B 217 -18.98 -2.19 17.24
C GLY B 217 -20.02 -2.70 16.26
N GLY B 218 -19.75 -2.48 14.97
CA GLY B 218 -20.59 -2.93 13.89
C GLY B 218 -21.98 -2.31 13.78
N ARG B 219 -22.19 -1.09 14.27
CA ARG B 219 -23.49 -0.41 14.06
C ARG B 219 -23.57 0.08 12.63
N ASP B 220 -24.77 0.47 12.17
CA ASP B 220 -24.88 1.00 10.82
C ASP B 220 -24.21 2.36 10.75
N MET B 221 -23.81 2.73 9.54
CA MET B 221 -23.22 4.04 9.26
C MET B 221 -24.10 5.19 9.67
N GLN B 222 -23.49 6.18 10.31
N GLN B 222 -23.51 6.17 10.35
CA GLN B 222 -24.18 7.39 10.68
CA GLN B 222 -24.20 7.39 10.69
C GLN B 222 -23.33 8.56 10.21
C GLN B 222 -23.35 8.58 10.30
N TYR B 223 -24.00 9.65 9.87
CA TYR B 223 -23.30 10.79 9.31
C TYR B 223 -23.76 12.13 9.87
N VAL B 224 -24.83 12.18 10.65
CA VAL B 224 -25.36 13.48 11.10
C VAL B 224 -25.77 13.39 12.53
N THR B 225 -25.49 14.44 13.29
CA THR B 225 -25.88 14.52 14.69
C THR B 225 -26.20 15.99 15.00
N THR B 226 -26.24 16.34 16.26
CA THR B 226 -26.52 17.74 16.64
C THR B 226 -25.55 18.25 17.67
N VAL B 227 -25.44 19.56 17.75
CA VAL B 227 -24.62 20.17 18.76
C VAL B 227 -25.03 19.69 20.14
N ALA B 228 -26.33 19.63 20.40
CA ALA B 228 -26.76 19.22 21.73
C ALA B 228 -26.27 17.80 22.08
N GLU B 229 -26.36 16.86 21.16
CA GLU B 229 -25.94 15.49 21.42
C GLU B 229 -24.45 15.40 21.61
N GLN B 230 -23.69 16.17 20.84
CA GLN B 230 -22.23 16.15 21.04
C GLN B 230 -21.89 16.69 22.39
N ARG B 231 -22.50 17.80 22.78
CA ARG B 231 -22.17 18.39 24.07
C ARG B 231 -22.52 17.45 25.21
N ALA B 232 -23.63 16.72 25.07
CA ALA B 232 -24.08 15.82 26.11
C ALA B 232 -23.28 14.52 26.18
N SER B 233 -22.88 13.99 25.02
N SER B 233 -22.92 13.95 25.03
CA SER B 233 -22.50 12.59 24.98
CA SER B 233 -22.47 12.55 24.99
C SER B 233 -21.21 12.24 24.27
C SER B 233 -21.28 12.18 24.11
N ASN B 234 -20.57 13.16 23.57
CA ASN B 234 -19.35 12.79 22.85
C ASN B 234 -18.32 12.20 23.84
N ILE B 235 -17.82 11.00 23.52
CA ILE B 235 -17.02 10.30 24.51
C ILE B 235 -15.68 10.94 24.79
N HIS B 236 -15.23 11.79 23.86
CA HIS B 236 -13.95 12.49 24.01
C HIS B 236 -14.09 13.92 24.48
N ILE B 237 -15.18 14.60 24.11
CA ILE B 237 -15.20 16.08 24.23
C ILE B 237 -16.58 16.62 24.56
N HIS B 238 -17.36 15.82 25.28
CA HIS B 238 -18.59 16.33 25.88
C HIS B 238 -18.31 17.50 26.81
N GLN B 239 -19.36 18.23 27.15
CA GLN B 239 -19.25 19.47 27.90
C GLN B 239 -18.42 19.37 29.16
N GLY B 240 -18.42 18.21 29.81
CA GLY B 240 -17.65 18.02 31.03
C GLY B 240 -16.12 17.97 30.92
N ILE B 241 -15.59 17.86 29.71
CA ILE B 241 -14.16 17.68 29.48
C ILE B 241 -13.49 19.01 29.26
N ASP B 242 -12.52 19.35 30.09
CA ASP B 242 -11.80 20.60 29.89
C ASP B 242 -10.63 20.46 28.91
N GLU B 243 -10.06 21.59 28.53
CA GLU B 243 -9.01 21.61 27.54
C GLU B 243 -7.81 20.72 27.88
N ASP B 244 -7.25 20.93 29.06
CA ASP B 244 -6.13 20.11 29.50
C ASP B 244 -6.44 18.61 29.48
N SER B 245 -7.63 18.27 29.96
N SER B 245 -7.63 18.25 29.96
CA SER B 245 -8.01 16.85 30.01
CA SER B 245 -8.02 16.83 30.00
C SER B 245 -8.13 16.25 28.61
C SER B 245 -8.13 16.25 28.61
N PHE B 246 -8.76 17.00 27.71
CA PHE B 246 -8.83 16.57 26.33
C PHE B 246 -7.44 16.38 25.72
N VAL B 247 -6.56 17.35 25.94
CA VAL B 247 -5.23 17.30 25.36
C VAL B 247 -4.46 16.01 25.83
N ALA B 248 -4.55 15.73 27.13
CA ALA B 248 -3.86 14.57 27.68
C ALA B 248 -4.42 13.31 27.03
N MET B 249 -5.74 13.24 26.96
CA MET B 249 -6.37 12.08 26.33
C MET B 249 -5.97 11.91 24.87
N ARG B 250 -6.17 12.97 24.09
CA ARG B 250 -5.99 12.91 22.67
C ARG B 250 -4.55 12.59 22.31
N GLU B 251 -3.61 13.20 23.04
CA GLU B 251 -2.20 12.94 22.75
C GLU B 251 -1.76 11.52 23.11
N ALA B 252 -2.32 11.03 24.22
CA ALA B 252 -1.94 9.64 24.61
C ALA B 252 -2.58 8.66 23.61
N ARG B 253 -3.79 9.02 23.16
CA ARG B 253 -4.46 8.16 22.18
C ARG B 253 -3.75 8.11 20.85
N ASP B 254 -3.26 9.27 20.39
CA ASP B 254 -2.60 9.33 19.10
C ASP B 254 -1.35 8.46 19.03
N LYS B 255 -0.66 8.33 20.15
CA LYS B 255 0.56 7.50 20.21
C LYS B 255 0.27 6.04 19.82
N THR B 256 -0.98 5.60 19.93
CA THR B 256 -1.30 4.21 19.65
C THR B 256 -1.79 3.92 18.23
N LEU B 257 -2.02 4.96 17.42
CA LEU B 257 -2.63 4.74 16.10
C LEU B 257 -1.61 4.50 15.02
N GLU B 258 -1.93 3.67 14.02
CA GLU B 258 -1.03 3.51 12.89
C GLU B 258 -1.35 4.50 11.78
N MET B 259 -0.46 4.59 10.79
CA MET B 259 -0.70 5.50 9.66
C MET B 259 -1.85 5.00 8.84
N PRO B 260 -2.64 5.92 8.27
CA PRO B 260 -3.65 5.49 7.32
C PRO B 260 -2.98 4.80 6.14
N VAL B 261 -3.64 3.77 5.64
CA VAL B 261 -3.12 3.01 4.50
C VAL B 261 -2.72 3.91 3.36
N LEU B 262 -3.55 4.93 3.09
CA LEU B 262 -3.29 5.73 1.90
C LEU B 262 -2.68 7.12 2.19
N ILE B 263 -2.06 7.30 3.36
CA ILE B 263 -1.52 8.65 3.63
C ILE B 263 -0.55 9.20 2.60
N LEU B 264 0.43 8.39 2.19
CA LEU B 264 1.39 8.91 1.26
C LEU B 264 0.84 9.14 -0.16
N PRO B 265 0.07 8.18 -0.71
CA PRO B 265 -0.59 8.51 -1.99
C PRO B 265 -1.53 9.75 -1.90
N SER B 266 -2.35 9.79 -0.83
CA SER B 266 -3.40 10.77 -0.70
C SER B 266 -2.88 12.19 -0.60
N VAL B 267 -1.91 12.41 0.29
N VAL B 267 -1.90 12.43 0.26
CA VAL B 267 -1.52 13.79 0.56
CA VAL B 267 -1.55 13.83 0.54
C VAL B 267 -0.89 14.41 -0.68
C VAL B 267 -0.76 14.46 -0.61
N GLN B 268 -0.02 13.65 -1.36
CA GLN B 268 0.69 14.19 -2.51
C GLN B 268 -0.19 14.47 -3.71
N VAL B 269 -1.37 13.84 -3.76
CA VAL B 269 -2.40 14.18 -4.76
C VAL B 269 -3.26 15.37 -4.27
N ASN B 270 -3.70 15.29 -3.02
CA ASN B 270 -4.62 16.30 -2.51
C ASN B 270 -3.94 17.65 -2.35
N MET B 271 -2.64 17.67 -2.13
CA MET B 271 -1.92 18.94 -2.07
C MET B 271 -1.86 19.65 -3.42
N ARG B 272 -2.19 18.90 -4.49
CA ARG B 272 -2.23 19.40 -5.85
C ARG B 272 -3.64 19.60 -6.35
N SER B 273 -4.60 19.73 -5.42
CA SER B 273 -6.01 19.91 -5.79
C SER B 273 -6.55 18.73 -6.62
N GLY B 274 -6.10 17.53 -6.27
CA GLY B 274 -6.63 16.33 -6.88
C GLY B 274 -6.01 15.97 -8.21
N GLN B 275 -4.87 16.58 -8.53
CA GLN B 275 -4.17 16.21 -9.76
C GLN B 275 -3.12 15.19 -9.39
N LEU B 276 -2.88 14.27 -10.32
CA LEU B 276 -1.77 13.34 -10.18
C LEU B 276 -0.49 14.13 -10.44
N PRO B 277 0.65 13.67 -9.91
CA PRO B 277 1.87 14.42 -10.25
C PRO B 277 2.12 14.50 -11.77
N PRO B 278 2.83 15.54 -12.22
CA PRO B 278 3.07 15.69 -13.66
C PRO B 278 3.87 14.48 -14.17
N PRO B 279 3.50 13.99 -15.37
CA PRO B 279 4.23 12.84 -15.90
C PRO B 279 5.70 13.12 -16.16
N GLU B 280 6.50 12.07 -16.01
CA GLU B 280 7.92 12.14 -16.32
C GLU B 280 8.08 12.02 -17.84
N ALA B 281 9.33 12.03 -18.32
CA ALA B 281 9.62 12.04 -19.76
C ALA B 281 9.05 10.87 -20.56
N ASN B 282 8.70 9.78 -19.88
CA ASN B 282 8.16 8.62 -20.54
C ASN B 282 6.66 8.63 -20.65
N GLY B 283 6.02 9.74 -20.24
CA GLY B 283 4.59 9.82 -20.28
C GLY B 283 3.84 9.20 -19.10
N VAL B 284 4.55 8.72 -18.09
CA VAL B 284 3.91 8.09 -16.94
C VAL B 284 4.00 8.98 -15.71
N SER B 285 2.88 9.11 -14.98
CA SER B 285 2.94 9.76 -13.67
C SER B 285 3.25 8.75 -12.57
N TYR B 286 4.02 9.21 -11.59
CA TYR B 286 4.38 8.42 -10.43
C TYR B 286 4.07 9.08 -9.10
N LEU B 287 3.51 8.31 -8.20
CA LEU B 287 3.61 8.65 -6.78
C LEU B 287 4.98 8.39 -6.25
N LYS B 288 5.44 9.23 -5.34
CA LYS B 288 6.70 9.06 -4.65
C LYS B 288 6.46 8.65 -3.22
N ILE B 289 7.06 7.54 -2.81
CA ILE B 289 6.90 7.09 -1.45
C ILE B 289 8.23 7.32 -0.74
N PRO B 290 8.30 8.36 0.12
CA PRO B 290 9.53 8.57 0.87
C PRO B 290 9.84 7.38 1.77
N LEU B 291 11.10 6.93 1.75
CA LEU B 291 11.46 5.79 2.55
C LEU B 291 12.07 6.21 3.88
N ASN B 292 11.56 5.64 4.96
CA ASN B 292 12.10 5.81 6.30
C ASN B 292 12.13 7.27 6.73
N LYS B 293 11.08 7.99 6.36
CA LYS B 293 11.01 9.43 6.58
C LYS B 293 9.74 9.86 7.30
N LEU B 294 8.59 9.37 6.85
CA LEU B 294 7.33 9.75 7.47
C LEU B 294 7.26 9.20 8.88
FE FE C . 7.09 -14.95 -6.40
N1 GSH D . -2.23 -11.80 -1.48
CA1 GSH D . -0.84 -12.06 -1.70
C1 GSH D . -0.02 -10.82 -1.42
O11 GSH D . -0.60 -9.69 -1.34
O12 GSH D . 1.24 -10.90 -1.28
CB1 GSH D . -0.63 -12.47 -3.14
CG1 GSH D . 0.60 -13.34 -3.09
CD1 GSH D . 0.92 -13.93 -4.43
OE1 GSH D . 0.37 -13.57 -5.45
N2 GSH D . 1.90 -14.95 -4.45
CA2 GSH D . 2.28 -15.54 -5.68
C2 GSH D . 1.34 -16.69 -6.11
O2 GSH D . 1.75 -17.40 -7.01
CB2 GSH D . 3.79 -15.85 -5.60
SG2 GSH D . 4.84 -14.36 -5.61
N3 GSH D . 0.00 -17.05 -5.68
CA3 GSH D . -0.58 -18.21 -6.36
C3 GSH D . -2.07 -18.62 -6.25
O31 GSH D . -2.80 -18.09 -5.36
O32 GSH D . -2.62 -19.51 -7.03
FE FE E . -8.64 13.60 7.77
N1 GSH F . -7.20 2.81 9.36
CA1 GSH F . -7.60 4.04 8.76
C1 GSH F . -7.07 4.13 7.36
O11 GSH F . -7.59 4.94 6.54
O12 GSH F . -6.10 3.39 7.03
CB1 GSH F . -7.04 5.21 9.54
CG1 GSH F . -7.94 6.37 9.24
CD1 GSH F . -7.61 7.57 10.07
OE1 GSH F . -6.61 7.62 10.76
N2 GSH F . -8.52 8.66 10.03
CA2 GSH F . -8.30 9.85 10.75
C2 GSH F . -8.76 9.69 12.21
O2 GSH F . -8.84 10.68 12.90
CB2 GSH F . -9.01 10.97 9.96
SG2 GSH F . -8.16 11.35 8.41
N3 GSH F . -9.10 8.48 12.89
CA3 GSH F . -9.49 8.72 14.26
C3 GSH F . -9.17 7.70 15.34
O31 GSH F . -9.28 7.99 16.58
O32 GSH F . -8.80 6.56 14.96
#